data_4JZ5
#
_entry.id   4JZ5
#
_cell.length_a   42.332
_cell.length_b   42.332
_cell.length_c   98.627
_cell.angle_alpha   90.00
_cell.angle_beta   90.00
_cell.angle_gamma   120.00
#
_symmetry.space_group_name_H-M   'P 32'
#
loop_
_entity.id
_entity.type
_entity.pdbx_description
1 polymer Gp26
2 water water
#
_entity_poly.entity_id   1
_entity_poly.type   'polypeptide(L)'
_entity_poly.pdbx_seq_one_letter_code
;MGSSHHHHHHSSGLVPRGSHMMVLVLDISKWQPTVNYSGLKEDVGFVVIRSSNGTQKYDERLEQHAKGLDKVGMPFGLYH
YALFEGGQDTINEANMLVSAYKKCRQLGAEPTFLFLDYEEVKLKSGNVVNECQRFIDHVKGQTGVKVGLYAGDSFWKTHD
LDKVKHDLRWVARYGVDNGKPSTKPSIPYDLWQYTSKGRIKAIASPVDMNTCSSDILNKLKGS
;
_entity_poly.pdbx_strand_id   A
#
# COMPACT_ATOMS: atom_id res chain seq x y z
N GLY A 18 -6.20 4.58 -22.92
CA GLY A 18 -7.41 4.53 -22.07
C GLY A 18 -8.27 3.33 -22.36
N SER A 19 -9.38 3.24 -21.65
CA SER A 19 -10.19 2.03 -21.66
C SER A 19 -11.59 2.31 -21.19
N HIS A 20 -12.53 1.50 -21.64
CA HIS A 20 -13.88 1.54 -21.10
C HIS A 20 -13.94 0.98 -19.67
N MET A 21 -12.92 0.23 -19.27
CA MET A 21 -12.84 -0.31 -17.93
C MET A 21 -11.99 0.60 -17.06
N MET A 22 -12.47 0.86 -15.85
CA MET A 22 -11.71 1.66 -14.91
C MET A 22 -10.41 0.95 -14.53
N VAL A 23 -9.33 1.70 -14.40
CA VAL A 23 -8.10 1.14 -13.86
C VAL A 23 -8.39 0.56 -12.46
N LEU A 24 -7.88 -0.64 -12.21
CA LEU A 24 -8.12 -1.34 -10.95
C LEU A 24 -6.80 -1.78 -10.33
N VAL A 25 -6.55 -1.31 -9.12
CA VAL A 25 -5.40 -1.71 -8.32
C VAL A 25 -5.94 -2.28 -7.02
N LEU A 26 -5.44 -3.44 -6.60
CA LEU A 26 -5.87 -4.04 -5.34
C LEU A 26 -4.83 -3.85 -4.27
N ASP A 27 -5.25 -3.89 -3.01
CA ASP A 27 -4.30 -4.14 -1.93
C ASP A 27 -4.84 -5.29 -1.10
N ILE A 28 -3.93 -6.18 -0.69
CA ILE A 28 -4.28 -7.42 0.00
C ILE A 28 -3.31 -7.64 1.15
N SER A 29 -3.72 -8.55 2.04
CA SER A 29 -2.98 -8.86 3.24
C SER A 29 -3.38 -10.27 3.69
N LYS A 30 -3.09 -10.58 4.94
CA LYS A 30 -3.52 -11.85 5.50
C LYS A 30 -5.04 -12.00 5.50
N TRP A 31 -5.77 -10.90 5.37
CA TRP A 31 -7.22 -10.96 5.34
C TRP A 31 -7.77 -11.52 4.03
N GLN A 32 -6.88 -11.71 3.05
CA GLN A 32 -7.20 -12.42 1.83
C GLN A 32 -6.32 -13.66 1.76
N PRO A 33 -6.64 -14.68 2.57
CA PRO A 33 -5.72 -15.82 2.68
C PRO A 33 -5.65 -16.67 1.43
N THR A 34 -6.70 -16.70 0.61
CA THR A 34 -6.68 -17.42 -0.66
C THR A 34 -7.00 -16.44 -1.77
N VAL A 35 -6.10 -16.40 -2.74
CA VAL A 35 -6.25 -15.51 -3.90
C VAL A 35 -5.94 -16.33 -5.13
N ASN A 36 -6.81 -16.33 -6.13
CA ASN A 36 -6.47 -16.90 -7.42
C ASN A 36 -5.67 -15.87 -8.20
N TYR A 37 -4.35 -15.92 -8.07
CA TYR A 37 -3.50 -14.88 -8.62
C TYR A 37 -3.67 -14.73 -10.12
N SER A 38 -3.75 -15.84 -10.83
CA SER A 38 -3.94 -15.77 -12.28
C SER A 38 -5.26 -15.11 -12.63
N GLY A 39 -6.27 -15.26 -11.76
CA GLY A 39 -7.56 -14.64 -11.95
C GLY A 39 -7.57 -13.12 -11.81
N LEU A 40 -6.47 -12.55 -11.34
CA LEU A 40 -6.34 -11.10 -11.25
C LEU A 40 -5.82 -10.46 -12.55
N LYS A 41 -5.26 -11.28 -13.44
CA LYS A 41 -4.51 -10.75 -14.57
C LYS A 41 -5.36 -9.99 -15.55
N GLU A 42 -6.61 -10.40 -15.74
CA GLU A 42 -7.45 -9.74 -16.74
C GLU A 42 -7.72 -8.28 -16.42
N ASP A 43 -8.09 -7.98 -15.18
CA ASP A 43 -8.59 -6.65 -14.84
C ASP A 43 -7.70 -5.81 -13.92
N VAL A 44 -6.78 -6.45 -13.22
CA VAL A 44 -6.02 -5.78 -12.19
C VAL A 44 -4.66 -5.36 -12.72
N GLY A 45 -4.32 -4.07 -12.58
CA GLY A 45 -3.06 -3.56 -13.10
C GLY A 45 -1.87 -3.62 -12.15
N PHE A 46 -2.14 -3.67 -10.86
CA PHE A 46 -1.09 -3.65 -9.83
C PHE A 46 -1.72 -4.12 -8.53
N VAL A 47 -0.91 -4.72 -7.68
CA VAL A 47 -1.34 -5.15 -6.35
C VAL A 47 -0.34 -4.65 -5.32
N VAL A 48 -0.83 -4.11 -4.20
CA VAL A 48 0.01 -3.79 -3.06
C VAL A 48 -0.28 -4.80 -1.96
N ILE A 49 0.76 -5.42 -1.40
CA ILE A 49 0.57 -6.41 -0.35
C ILE A 49 1.13 -5.91 0.96
N ARG A 50 0.49 -6.30 2.06
N ARG A 50 0.48 -6.29 2.05
CA ARG A 50 0.94 -5.88 3.38
CA ARG A 50 0.97 -5.89 3.36
C ARG A 50 2.22 -6.60 3.77
C ARG A 50 2.28 -6.60 3.68
N SER A 51 3.23 -5.85 4.20
CA SER A 51 4.49 -6.42 4.62
C SER A 51 4.52 -6.86 6.07
N SER A 52 3.92 -6.05 6.93
CA SER A 52 4.22 -6.10 8.36
C SER A 52 3.28 -5.19 9.12
N ASN A 53 3.11 -5.51 10.39
CA ASN A 53 2.40 -4.70 11.37
C ASN A 53 3.42 -4.28 12.43
N GLY A 54 3.83 -3.02 12.38
CA GLY A 54 4.87 -2.55 13.28
C GLY A 54 6.10 -3.42 13.24
N THR A 55 6.72 -3.60 14.40
CA THR A 55 7.76 -4.59 14.61
C THR A 55 7.18 -5.88 15.19
N GLN A 56 5.86 -5.96 15.28
CA GLN A 56 5.20 -7.09 15.91
C GLN A 56 5.32 -8.35 15.06
N LYS A 57 5.08 -8.23 13.77
CA LYS A 57 5.10 -9.40 12.89
C LYS A 57 5.16 -8.96 11.43
N TYR A 58 5.69 -9.84 10.60
CA TYR A 58 5.44 -9.77 9.17
C TYR A 58 4.03 -10.28 8.91
N ASP A 59 3.39 -9.77 7.87
CA ASP A 59 2.09 -10.30 7.50
C ASP A 59 2.20 -11.77 7.16
N GLU A 60 1.27 -12.56 7.66
CA GLU A 60 1.34 -14.00 7.55
C GLU A 60 1.25 -14.51 6.11
N ARG A 61 0.75 -13.68 5.20
CA ARG A 61 0.63 -14.08 3.80
C ARG A 61 1.62 -13.34 2.90
N LEU A 62 2.57 -12.60 3.49
CA LEU A 62 3.52 -11.84 2.68
C LEU A 62 4.21 -12.71 1.63
N GLU A 63 4.80 -13.82 2.04
CA GLU A 63 5.54 -14.62 1.10
C GLU A 63 4.62 -15.32 0.12
N GLN A 64 3.48 -15.81 0.59
CA GLN A 64 2.53 -16.44 -0.31
C GLN A 64 2.10 -15.49 -1.41
N HIS A 65 1.74 -14.27 -1.03
CA HIS A 65 1.27 -13.30 -1.99
C HIS A 65 2.40 -12.88 -2.93
N ALA A 66 3.59 -12.65 -2.40
CA ALA A 66 4.70 -12.26 -3.26
C ALA A 66 4.99 -13.33 -4.30
N LYS A 67 5.04 -14.58 -3.86
CA LYS A 67 5.28 -15.68 -4.78
C LYS A 67 4.15 -15.83 -5.79
N GLY A 68 2.91 -15.65 -5.34
CA GLY A 68 1.77 -15.83 -6.23
C GLY A 68 1.71 -14.77 -7.30
N LEU A 69 2.02 -13.54 -6.92
CA LEU A 69 2.02 -12.44 -7.89
C LEU A 69 3.21 -12.58 -8.84
N ASP A 70 4.37 -12.96 -8.33
CA ASP A 70 5.53 -13.19 -9.17
C ASP A 70 5.27 -14.32 -10.19
N LYS A 71 4.63 -15.38 -9.74
CA LYS A 71 4.32 -16.54 -10.60
C LYS A 71 3.67 -16.11 -11.91
N VAL A 72 2.67 -15.24 -11.79
CA VAL A 72 1.85 -14.82 -12.91
C VAL A 72 2.30 -13.52 -13.54
N GLY A 73 3.38 -12.93 -13.04
CA GLY A 73 3.89 -11.69 -13.58
C GLY A 73 3.03 -10.47 -13.26
N MET A 74 2.33 -10.49 -12.13
CA MET A 74 1.58 -9.30 -11.71
C MET A 74 2.53 -8.34 -11.01
N PRO A 75 2.65 -7.11 -11.52
CA PRO A 75 3.50 -6.15 -10.79
C PRO A 75 2.91 -5.84 -9.42
N PHE A 76 3.78 -5.68 -8.43
CA PHE A 76 3.31 -5.46 -7.09
C PHE A 76 4.26 -4.64 -6.26
N GLY A 77 3.72 -4.14 -5.16
CA GLY A 77 4.45 -3.39 -4.17
C GLY A 77 4.08 -3.85 -2.77
N LEU A 78 4.66 -3.19 -1.76
CA LEU A 78 4.45 -3.54 -0.35
C LEU A 78 3.98 -2.33 0.44
N TYR A 79 3.15 -2.56 1.45
CA TYR A 79 2.83 -1.51 2.40
C TYR A 79 3.01 -2.00 3.82
N HIS A 80 3.57 -1.13 4.66
CA HIS A 80 3.80 -1.39 6.07
C HIS A 80 2.75 -0.69 6.92
N TYR A 81 2.11 -1.42 7.83
CA TYR A 81 1.14 -0.84 8.74
C TYR A 81 1.89 -0.32 9.97
N ALA A 82 1.96 1.00 10.09
CA ALA A 82 2.77 1.65 11.10
C ALA A 82 2.19 1.61 12.51
N LEU A 83 3.06 1.33 13.48
CA LEU A 83 2.72 1.33 14.90
C LEU A 83 3.83 1.98 15.71
N PHE A 84 4.64 2.84 15.10
CA PHE A 84 5.89 3.23 15.74
C PHE A 84 5.74 4.20 16.90
N GLU A 85 6.63 4.06 17.87
CA GLU A 85 6.59 4.84 19.09
C GLU A 85 7.36 6.16 18.99
N GLY A 86 8.10 6.36 17.90
CA GLY A 86 9.03 7.47 17.80
C GLY A 86 10.45 6.99 18.00
N GLY A 87 11.42 7.89 17.84
CA GLY A 87 12.80 7.55 18.11
C GLY A 87 13.28 6.35 17.32
N GLN A 88 14.02 5.47 17.99
CA GLN A 88 14.59 4.32 17.32
C GLN A 88 13.51 3.38 16.81
N ASP A 89 12.36 3.32 17.48
CA ASP A 89 11.30 2.41 17.04
C ASP A 89 10.81 2.76 15.64
N THR A 90 10.79 4.04 15.28
CA THR A 90 10.39 4.43 13.93
C THR A 90 11.34 3.81 12.90
N ILE A 91 12.62 3.87 13.18
CA ILE A 91 13.63 3.30 12.30
C ILE A 91 13.52 1.78 12.29
N ASN A 92 13.27 1.17 13.46
CA ASN A 92 13.13 -0.28 13.48
C ASN A 92 11.93 -0.73 12.64
N GLU A 93 10.86 0.06 12.64
CA GLU A 93 9.73 -0.25 11.78
C GLU A 93 10.08 -0.05 10.30
N ALA A 94 10.83 1.00 9.99
CA ALA A 94 11.31 1.17 8.61
C ALA A 94 12.12 -0.05 8.18
N ASN A 95 12.93 -0.58 9.08
CA ASN A 95 13.70 -1.77 8.77
C ASN A 95 12.85 -3.01 8.57
N MET A 96 11.67 -3.07 9.17
CA MET A 96 10.72 -4.16 8.90
C MET A 96 10.33 -4.13 7.43
N LEU A 97 10.00 -2.95 6.92
CA LEU A 97 9.61 -2.84 5.53
C LEU A 97 10.78 -3.18 4.61
N VAL A 98 11.98 -2.70 4.95
CA VAL A 98 13.17 -3.05 4.15
C VAL A 98 13.40 -4.56 4.18
N SER A 99 13.28 -5.17 5.35
CA SER A 99 13.45 -6.60 5.48
C SER A 99 12.41 -7.38 4.66
N ALA A 100 11.17 -6.91 4.68
CA ALA A 100 10.12 -7.54 3.88
C ALA A 100 10.44 -7.47 2.39
N TYR A 101 10.92 -6.31 1.96
CA TYR A 101 11.37 -6.13 0.58
C TYR A 101 12.48 -7.15 0.25
N LYS A 102 13.45 -7.26 1.12
CA LYS A 102 14.52 -8.24 0.94
C LYS A 102 13.98 -9.68 0.90
N LYS A 103 13.02 -10.00 1.75
CA LYS A 103 12.43 -11.34 1.75
C LYS A 103 11.78 -11.66 0.41
N CYS A 104 11.06 -10.68 -0.14
CA CYS A 104 10.48 -10.87 -1.45
C CYS A 104 11.55 -11.14 -2.50
N ARG A 105 12.62 -10.34 -2.46
CA ARG A 105 13.69 -10.52 -3.44
C ARG A 105 14.40 -11.87 -3.26
N GLN A 106 14.52 -12.36 -2.02
CA GLN A 106 15.09 -13.67 -1.77
C GLN A 106 14.29 -14.77 -2.47
N LEU A 107 12.99 -14.58 -2.63
CA LEU A 107 12.13 -15.55 -3.29
C LEU A 107 12.08 -15.32 -4.81
N GLY A 108 12.87 -14.35 -5.28
CA GLY A 108 12.95 -14.05 -6.70
C GLY A 108 11.98 -12.98 -7.16
N ALA A 109 11.14 -12.49 -6.24
CA ALA A 109 10.13 -11.52 -6.60
C ALA A 109 10.75 -10.12 -6.59
N GLU A 110 10.10 -9.18 -7.26
CA GLU A 110 10.64 -7.84 -7.38
C GLU A 110 9.56 -6.79 -7.14
N PRO A 111 9.36 -6.38 -5.89
CA PRO A 111 8.41 -5.28 -5.66
C PRO A 111 8.91 -4.00 -6.30
N THR A 112 8.00 -3.18 -6.82
CA THR A 112 8.41 -1.96 -7.52
C THR A 112 8.04 -0.68 -6.81
N PHE A 113 7.40 -0.76 -5.65
CA PHE A 113 6.98 0.42 -4.92
C PHE A 113 6.73 0.01 -3.48
N LEU A 114 6.97 0.93 -2.55
CA LEU A 114 6.75 0.67 -1.14
C LEU A 114 5.90 1.79 -0.56
N PHE A 115 5.21 1.49 0.54
CA PHE A 115 4.32 2.47 1.17
C PHE A 115 4.34 2.40 2.69
N LEU A 116 4.24 3.58 3.29
CA LEU A 116 3.93 3.73 4.70
C LEU A 116 2.41 3.92 4.84
N ASP A 117 1.76 3.01 5.54
CA ASP A 117 0.33 3.11 5.88
C ASP A 117 0.25 3.64 7.31
N TYR A 118 -0.15 4.91 7.43
CA TYR A 118 -0.11 5.60 8.72
C TYR A 118 -1.50 6.08 9.04
N GLU A 119 -2.22 5.33 9.87
CA GLU A 119 -3.62 5.64 10.10
C GLU A 119 -4.04 5.54 11.57
N GLU A 120 -3.06 5.36 12.47
CA GLU A 120 -3.28 5.50 13.91
C GLU A 120 -1.97 6.00 14.48
N VAL A 121 -2.02 6.51 15.71
CA VAL A 121 -0.87 7.12 16.33
C VAL A 121 -0.47 6.38 17.59
N LYS A 122 0.76 5.88 17.63
CA LYS A 122 1.31 5.18 18.79
C LYS A 122 2.51 5.93 19.35
N LEU A 123 2.76 7.14 18.85
CA LEU A 123 3.93 7.89 19.28
C LEU A 123 3.88 8.14 20.77
N LYS A 124 4.99 7.90 21.47
CA LYS A 124 5.07 8.24 22.89
C LYS A 124 5.16 9.76 23.07
N SER A 125 5.73 10.41 22.07
CA SER A 125 5.75 11.85 21.98
C SER A 125 6.17 12.15 20.56
N GLY A 126 6.10 13.42 20.17
CA GLY A 126 6.58 13.83 18.87
C GLY A 126 5.50 14.10 17.85
N ASN A 127 5.93 14.40 16.64
CA ASN A 127 5.07 14.94 15.59
C ASN A 127 4.88 13.91 14.47
N VAL A 128 3.64 13.68 14.05
CA VAL A 128 3.35 12.66 13.06
C VAL A 128 4.09 12.92 11.74
N VAL A 129 4.04 14.14 11.23
CA VAL A 129 4.75 14.44 9.99
C VAL A 129 6.21 14.07 10.09
N ASN A 130 6.87 14.51 11.16
CA ASN A 130 8.29 14.30 11.27
C ASN A 130 8.62 12.81 11.35
N GLU A 131 7.82 12.03 12.09
CA GLU A 131 8.13 10.63 12.24
C GLU A 131 7.83 9.86 10.96
N CYS A 132 6.75 10.21 10.26
CA CYS A 132 6.50 9.62 8.95
C CYS A 132 7.68 9.93 8.03
N GLN A 133 8.18 11.15 8.08
CA GLN A 133 9.32 11.52 7.23
C GLN A 133 10.55 10.70 7.56
N ARG A 134 10.84 10.52 8.84
CA ARG A 134 11.98 9.69 9.23
C ARG A 134 11.85 8.28 8.69
N PHE A 135 10.66 7.70 8.78
CA PHE A 135 10.42 6.36 8.26
C PHE A 135 10.68 6.30 6.76
N ILE A 136 10.07 7.20 6.02
CA ILE A 136 10.15 7.21 4.56
C ILE A 136 11.58 7.46 4.10
N ASP A 137 12.25 8.43 4.70
CA ASP A 137 13.64 8.71 4.36
C ASP A 137 14.48 7.46 4.57
N HIS A 138 14.27 6.75 5.67
CA HIS A 138 15.07 5.58 5.94
C HIS A 138 14.87 4.49 4.89
N VAL A 139 13.61 4.21 4.58
CA VAL A 139 13.33 3.16 3.61
C VAL A 139 13.89 3.52 2.23
N LYS A 140 13.68 4.76 1.80
CA LYS A 140 14.22 5.20 0.50
C LYS A 140 15.73 5.08 0.50
N GLY A 141 16.38 5.52 1.58
CA GLY A 141 17.82 5.50 1.65
C GLY A 141 18.42 4.10 1.68
N GLN A 142 17.68 3.15 2.22
CA GLN A 142 18.14 1.77 2.28
C GLN A 142 17.96 1.01 0.97
N THR A 143 16.93 1.36 0.21
CA THR A 143 16.51 0.54 -0.91
C THR A 143 16.62 1.20 -2.29
N GLY A 144 16.52 2.52 -2.36
CA GLY A 144 16.46 3.19 -3.66
C GLY A 144 15.12 3.02 -4.36
N VAL A 145 14.16 2.40 -3.69
CA VAL A 145 12.83 2.17 -4.27
C VAL A 145 11.95 3.33 -3.84
N LYS A 146 11.00 3.72 -4.69
CA LYS A 146 10.08 4.79 -4.31
C LYS A 146 9.18 4.38 -3.15
N VAL A 147 8.86 5.35 -2.31
CA VAL A 147 8.04 5.11 -1.13
C VAL A 147 6.96 6.18 -1.06
N GLY A 148 5.71 5.72 -1.01
CA GLY A 148 4.57 6.60 -0.86
C GLY A 148 3.94 6.51 0.52
N LEU A 149 2.82 7.22 0.67
CA LEU A 149 2.16 7.41 1.95
C LEU A 149 0.67 7.18 1.77
N TYR A 150 0.10 6.40 2.69
CA TYR A 150 -1.33 6.08 2.70
C TYR A 150 -1.97 6.50 4.01
N ALA A 151 -3.16 7.10 3.88
CA ALA A 151 -4.07 7.29 5.00
C ALA A 151 -5.45 7.62 4.44
N GLY A 152 -6.47 7.54 5.28
CA GLY A 152 -7.76 8.07 4.92
C GLY A 152 -7.75 9.59 4.80
N ASP A 153 -8.64 10.08 3.97
N ASP A 153 -8.65 10.15 4.02
CA ASP A 153 -8.86 11.50 3.69
CA ASP A 153 -8.58 11.59 3.76
C ASP A 153 -8.80 12.36 4.96
C ASP A 153 -8.77 12.45 5.01
N SER A 154 -9.69 12.11 5.91
CA SER A 154 -9.82 12.90 7.12
C SER A 154 -8.56 12.83 7.98
N PHE A 155 -8.05 11.64 8.20
CA PHE A 155 -6.84 11.47 8.99
C PHE A 155 -5.69 12.26 8.36
N TRP A 156 -5.57 12.17 7.05
CA TRP A 156 -4.49 12.85 6.31
C TRP A 156 -4.55 14.35 6.57
N LYS A 157 -5.73 14.93 6.44
CA LYS A 157 -5.89 16.36 6.65
C LYS A 157 -5.57 16.76 8.09
N THR A 158 -6.10 16.00 9.05
CA THR A 158 -5.99 16.41 10.45
C THR A 158 -4.65 16.08 11.09
N HIS A 159 -3.76 15.41 10.36
CA HIS A 159 -2.40 15.19 10.84
C HIS A 159 -1.35 15.84 9.97
N ASP A 160 -1.78 16.72 9.08
CA ASP A 160 -0.86 17.52 8.25
C ASP A 160 -0.03 16.68 7.31
N LEU A 161 -0.56 15.56 6.84
CA LEU A 161 0.26 14.68 6.02
C LEU A 161 0.70 15.30 4.69
N ASP A 162 0.05 16.37 4.25
CA ASP A 162 0.55 17.11 3.09
C ASP A 162 2.00 17.56 3.26
N LYS A 163 2.44 17.71 4.50
CA LYS A 163 3.80 18.17 4.78
C LYS A 163 4.86 17.08 4.65
N VAL A 164 4.45 15.82 4.53
CA VAL A 164 5.40 14.74 4.30
C VAL A 164 5.83 14.73 2.84
N LYS A 165 7.14 14.56 2.62
CA LYS A 165 7.69 14.44 1.27
C LYS A 165 7.86 12.98 0.91
N HIS A 166 7.22 12.55 -0.16
CA HIS A 166 7.24 11.13 -0.53
C HIS A 166 6.81 11.02 -1.99
N ASP A 167 6.72 9.79 -2.48
CA ASP A 167 6.60 9.56 -3.91
C ASP A 167 5.21 9.26 -4.44
N LEU A 168 4.20 9.09 -3.59
CA LEU A 168 2.86 8.79 -4.09
C LEU A 168 1.79 8.94 -3.02
N ARG A 169 0.80 9.78 -3.30
CA ARG A 169 -0.32 10.00 -2.40
C ARG A 169 -1.41 8.95 -2.58
N TRP A 170 -1.54 8.08 -1.60
CA TRP A 170 -2.50 6.99 -1.61
C TRP A 170 -3.55 7.33 -0.54
N VAL A 171 -4.72 7.74 -1.00
CA VAL A 171 -5.74 8.31 -0.11
C VAL A 171 -7.01 7.47 -0.14
N ALA A 172 -7.52 7.12 1.04
CA ALA A 172 -8.75 6.36 1.14
C ALA A 172 -9.95 7.25 1.39
N ARG A 173 -11.03 6.94 0.67
CA ARG A 173 -12.34 7.54 0.93
C ARG A 173 -13.37 6.61 0.32
N TYR A 174 -14.25 6.06 1.15
CA TYR A 174 -15.11 4.96 0.71
C TYR A 174 -16.55 5.34 0.41
N GLY A 175 -17.04 6.47 0.92
CA GLY A 175 -18.44 6.78 0.72
C GLY A 175 -19.34 5.70 1.27
N VAL A 176 -20.29 5.22 0.46
CA VAL A 176 -21.19 4.15 0.90
C VAL A 176 -20.49 2.82 1.10
N ASP A 177 -19.26 2.71 0.59
CA ASP A 177 -18.43 1.52 0.74
C ASP A 177 -19.17 0.27 0.25
N ASN A 178 -19.53 0.30 -1.03
CA ASN A 178 -20.37 -0.76 -1.59
C ASN A 178 -19.69 -1.52 -2.72
N GLY A 179 -18.36 -1.47 -2.76
CA GLY A 179 -17.62 -2.23 -3.74
C GLY A 179 -17.36 -1.52 -5.05
N LYS A 180 -17.92 -0.31 -5.20
CA LYS A 180 -17.75 0.47 -6.41
C LYS A 180 -17.35 1.89 -6.00
N PRO A 181 -16.74 2.64 -6.93
CA PRO A 181 -16.37 4.01 -6.57
C PRO A 181 -17.57 4.81 -6.07
N SER A 182 -17.33 5.58 -5.02
CA SER A 182 -18.36 6.39 -4.37
C SER A 182 -17.71 7.76 -4.16
N THR A 183 -17.86 8.33 -2.97
CA THR A 183 -17.31 9.64 -2.66
C THR A 183 -15.80 9.70 -2.90
N LYS A 184 -15.34 10.71 -3.65
CA LYS A 184 -13.91 10.91 -3.86
C LYS A 184 -13.27 11.56 -2.66
N PRO A 185 -11.95 11.41 -2.52
CA PRO A 185 -11.26 12.13 -1.44
C PRO A 185 -11.48 13.63 -1.55
N SER A 186 -11.44 14.29 -0.40
CA SER A 186 -11.58 15.74 -0.37
C SER A 186 -10.26 16.46 -0.66
N ILE A 187 -9.20 15.68 -0.85
CA ILE A 187 -7.87 16.19 -1.14
C ILE A 187 -7.35 15.53 -2.41
N PRO A 188 -6.35 16.12 -3.05
CA PRO A 188 -5.80 15.47 -4.24
C PRO A 188 -5.20 14.12 -3.91
N TYR A 189 -5.30 13.20 -4.87
CA TYR A 189 -4.74 11.87 -4.69
C TYR A 189 -4.04 11.43 -5.96
N ASP A 190 -3.11 10.50 -5.80
CA ASP A 190 -2.53 9.76 -6.92
C ASP A 190 -3.22 8.39 -7.07
N LEU A 191 -3.36 7.68 -5.97
CA LEU A 191 -4.08 6.41 -5.93
C LEU A 191 -5.21 6.56 -4.91
N TRP A 192 -6.45 6.22 -5.31
CA TRP A 192 -7.64 6.38 -4.48
C TRP A 192 -8.16 5.02 -4.09
N GLN A 193 -8.14 4.73 -2.78
CA GLN A 193 -8.77 3.53 -2.25
C GLN A 193 -10.24 3.83 -2.02
N TYR A 194 -11.09 3.30 -2.89
CA TYR A 194 -12.47 3.74 -2.95
C TYR A 194 -13.47 2.84 -2.25
N THR A 195 -13.04 1.64 -1.85
CA THR A 195 -13.89 0.75 -1.09
C THR A 195 -13.04 -0.28 -0.36
N SER A 196 -13.58 -0.79 0.75
CA SER A 196 -13.01 -1.92 1.45
C SER A 196 -13.83 -3.18 1.21
N LYS A 197 -14.87 -3.08 0.37
CA LYS A 197 -15.82 -4.17 0.20
C LYS A 197 -15.93 -4.59 -1.25
N GLY A 198 -14.80 -4.54 -1.95
CA GLY A 198 -14.76 -5.02 -3.31
C GLY A 198 -15.13 -6.48 -3.44
N ARG A 199 -15.64 -6.81 -4.61
CA ARG A 199 -15.96 -8.17 -4.96
C ARG A 199 -15.31 -8.51 -6.28
N ILE A 200 -14.38 -9.45 -6.25
CA ILE A 200 -13.80 -9.97 -7.47
C ILE A 200 -13.77 -11.48 -7.39
N LYS A 201 -13.96 -12.14 -8.52
CA LYS A 201 -14.11 -13.58 -8.55
C LYS A 201 -12.93 -14.31 -7.94
N ALA A 202 -11.75 -13.72 -8.08
CA ALA A 202 -10.50 -14.37 -7.68
C ALA A 202 -10.29 -14.43 -6.16
N ILE A 203 -11.11 -13.72 -5.39
CA ILE A 203 -10.91 -13.60 -3.96
C ILE A 203 -12.27 -13.72 -3.26
N ALA A 204 -12.41 -14.67 -2.36
CA ALA A 204 -13.71 -14.84 -1.70
C ALA A 204 -14.06 -13.66 -0.78
N SER A 205 -13.04 -13.16 -0.12
N SER A 205 -13.08 -13.20 -0.04
CA SER A 205 -13.15 -12.15 0.90
CA SER A 205 -13.32 -12.19 0.99
C SER A 205 -13.34 -10.73 0.38
C SER A 205 -13.50 -10.81 0.36
N PRO A 206 -13.94 -9.85 1.18
CA PRO A 206 -13.96 -8.45 0.75
C PRO A 206 -12.54 -8.00 0.47
N VAL A 207 -12.37 -7.17 -0.55
CA VAL A 207 -11.06 -6.70 -0.88
C VAL A 207 -11.09 -5.20 -1.12
N ASP A 208 -10.01 -4.55 -0.70
CA ASP A 208 -9.80 -3.14 -0.97
C ASP A 208 -9.52 -2.92 -2.45
N MET A 209 -10.26 -1.96 -3.04
CA MET A 209 -10.09 -1.62 -4.45
C MET A 209 -9.69 -0.18 -4.58
N ASN A 210 -8.86 0.07 -5.58
CA ASN A 210 -8.22 1.36 -5.80
C ASN A 210 -8.26 1.69 -7.28
N THR A 211 -8.21 2.99 -7.60
CA THR A 211 -8.07 3.42 -8.97
C THR A 211 -7.12 4.62 -9.07
N CYS A 212 -6.66 4.87 -10.28
CA CYS A 212 -5.69 5.91 -10.55
C CYS A 212 -5.63 6.11 -12.05
N SER A 213 -4.93 7.16 -12.47
CA SER A 213 -4.69 7.41 -13.89
C SER A 213 -3.73 6.38 -14.45
N SER A 214 -3.71 6.28 -15.77
CA SER A 214 -2.72 5.44 -16.41
C SER A 214 -1.28 5.87 -16.09
N ASP A 215 -1.04 7.17 -16.00
N ASP A 215 -1.04 7.17 -15.98
CA ASP A 215 0.28 7.67 -15.61
CA ASP A 215 0.30 7.65 -15.63
C ASP A 215 0.69 7.09 -14.25
C ASP A 215 0.72 7.15 -14.24
N ILE A 216 -0.20 7.17 -13.28
CA ILE A 216 0.14 6.70 -11.95
C ILE A 216 0.32 5.17 -11.94
N LEU A 217 -0.45 4.45 -12.74
CA LEU A 217 -0.24 3.01 -12.82
C LEU A 217 1.17 2.71 -13.35
N ASN A 218 1.62 3.46 -14.34
N ASN A 218 1.59 3.46 -14.36
CA ASN A 218 2.96 3.26 -14.85
CA ASN A 218 2.95 3.32 -14.88
C ASN A 218 4.04 3.64 -13.84
C ASN A 218 3.98 3.59 -13.79
N LYS A 219 3.74 4.62 -13.00
CA LYS A 219 4.64 4.98 -11.91
C LYS A 219 4.73 3.85 -10.87
N LEU A 220 3.59 3.30 -10.51
CA LEU A 220 3.55 2.19 -9.56
C LEU A 220 4.42 1.04 -10.05
N LYS A 221 4.36 0.78 -11.35
CA LYS A 221 5.05 -0.34 -11.96
C LYS A 221 6.55 -0.09 -12.12
N GLY A 222 7.01 1.10 -11.74
CA GLY A 222 8.44 1.38 -11.67
C GLY A 222 8.92 2.25 -12.81
N SER A 223 8.00 2.87 -13.54
CA SER A 223 8.38 3.75 -14.65
C SER A 223 9.31 3.05 -15.62
#